data_4JQR
#
_entry.id   4JQR
#
_cell.length_a   98.573
_cell.length_b   98.573
_cell.length_c   69.284
_cell.angle_alpha   90.000
_cell.angle_beta   90.000
_cell.angle_gamma   120.000
#
_symmetry.space_group_name_H-M   'P 32 2 1'
#
loop_
_entity.id
_entity.type
_entity.pdbx_description
1 polymer 'hypothetical protein'
2 non-polymer 'SODIUM ION'
3 non-polymer 'CHLORIDE ION'
4 non-polymer 'SULFATE ION'
5 non-polymer 1,2-ETHANEDIOL
6 water water
#
_entity_poly.entity_id   1
_entity_poly.type   'polypeptide(L)'
_entity_poly.pdbx_seq_one_letter_code
;GDDDDDVKNEVVVSFENLLTEENSQFIADGTPNNQAFQETDFKDPKNLINFNHYYADWGSGYSFAGFSY(MSE)NITDNQ
TANSPAPITGKAKIGSVYIGVDSTDGEYGTPAILTILDTNYKLKGTWIANSTWAY(MSE)G(MSE)IQGDGYARAFKAGD
WYKVTATGYDEAGNETGKAEILLANYKTDNDLPVKEWIWFDLTPLQNAVKVKFIPDSSDKNEYG(MSE)NTASYFCLDGI
TLIEK
;
_entity_poly.pdbx_strand_id   A
#
# COMPACT_ATOMS: atom_id res chain seq x y z
N LYS A 8 -18.46 -18.69 -7.70
CA LYS A 8 -17.21 -18.08 -8.17
C LYS A 8 -16.08 -18.27 -7.13
N ASN A 9 -15.09 -19.12 -7.46
CA ASN A 9 -13.93 -19.48 -6.65
C ASN A 9 -13.10 -18.21 -6.28
N GLU A 10 -12.60 -18.20 -5.04
CA GLU A 10 -11.79 -17.15 -4.44
C GLU A 10 -10.42 -17.66 -4.05
N VAL A 11 -9.41 -16.84 -4.27
CA VAL A 11 -8.05 -17.20 -3.89
C VAL A 11 -7.43 -16.01 -3.18
N VAL A 12 -6.73 -16.28 -2.08
CA VAL A 12 -6.05 -15.25 -1.30
C VAL A 12 -4.57 -15.30 -1.69
N VAL A 13 -4.04 -14.18 -2.20
CA VAL A 13 -2.64 -14.07 -2.60
C VAL A 13 -1.75 -14.18 -1.34
N SER A 14 -0.66 -14.96 -1.42
CA SER A 14 0.20 -15.15 -0.26
C SER A 14 1.66 -15.06 -0.58
N PHE A 15 2.39 -14.30 0.24
CA PHE A 15 3.84 -14.17 0.16
C PHE A 15 4.51 -14.86 1.34
N GLU A 16 3.77 -15.75 2.02
CA GLU A 16 4.33 -16.59 3.07
C GLU A 16 5.38 -17.54 2.48
N ASN A 17 6.33 -17.97 3.30
CA ASN A 17 7.39 -18.93 2.92
C ASN A 17 8.39 -18.33 1.92
N LEU A 18 8.45 -16.99 1.83
CA LEU A 18 9.40 -16.31 0.95
C LEU A 18 10.49 -15.64 1.79
N LEU A 19 10.11 -15.08 2.94
CA LEU A 19 11.06 -14.44 3.85
C LEU A 19 11.55 -15.48 4.87
N THR A 20 12.88 -15.63 4.98
CA THR A 20 13.47 -16.62 5.89
C THR A 20 13.79 -16.03 7.28
N GLU A 21 14.01 -14.70 7.35
CA GLU A 21 14.40 -14.01 8.57
C GLU A 21 13.33 -13.06 9.08
N GLU A 22 13.33 -12.80 10.38
CA GLU A 22 12.44 -11.84 11.01
C GLU A 22 12.85 -10.43 10.63
N ASN A 23 11.91 -9.47 10.66
CA ASN A 23 12.16 -8.06 10.36
C ASN A 23 12.86 -7.90 8.98
N SER A 24 12.34 -8.58 7.97
CA SER A 24 12.90 -8.51 6.61
C SER A 24 11.81 -8.08 5.61
N GLN A 25 12.25 -7.75 4.39
CA GLN A 25 11.42 -7.27 3.30
C GLN A 25 11.96 -7.75 1.96
N PHE A 26 11.20 -7.50 0.88
CA PHE A 26 11.67 -7.79 -0.46
C PHE A 26 12.87 -6.89 -0.78
N ILE A 27 13.91 -7.49 -1.35
CA ILE A 27 15.10 -6.74 -1.77
C ILE A 27 15.30 -7.01 -3.24
N ALA A 28 15.32 -5.93 -4.04
CA ALA A 28 15.54 -5.98 -5.49
C ALA A 28 16.89 -6.63 -5.85
N ASP A 29 16.98 -7.16 -7.08
CA ASP A 29 18.18 -7.77 -7.62
C ASP A 29 19.26 -6.72 -7.94
N GLY A 30 18.82 -5.53 -8.36
CA GLY A 30 19.70 -4.42 -8.71
C GLY A 30 20.45 -3.78 -7.56
N THR A 31 21.24 -2.74 -7.89
CA THR A 31 22.03 -2.02 -6.91
C THR A 31 21.33 -0.71 -6.55
N PRO A 32 20.88 -0.55 -5.28
CA PRO A 32 20.24 0.73 -4.88
C PRO A 32 21.24 1.88 -4.90
N ASN A 33 20.80 3.07 -5.30
CA ASN A 33 21.68 4.23 -5.35
C ASN A 33 20.96 5.44 -4.71
N ASN A 34 21.68 6.54 -4.50
CA ASN A 34 21.14 7.74 -3.85
C ASN A 34 20.79 8.83 -4.88
N GLN A 35 20.64 8.44 -6.16
CA GLN A 35 20.34 9.39 -7.23
C GLN A 35 18.89 9.37 -7.59
N ALA A 36 18.34 8.18 -7.79
CA ALA A 36 16.95 8.04 -8.16
C ALA A 36 16.46 6.66 -7.85
N PHE A 37 15.15 6.54 -7.68
CA PHE A 37 14.50 5.24 -7.53
C PHE A 37 14.65 4.47 -8.83
N GLN A 38 14.88 3.17 -8.71
CA GLN A 38 14.90 2.25 -9.84
C GLN A 38 13.63 1.43 -9.68
N GLU A 39 13.09 0.88 -10.76
CA GLU A 39 11.87 0.10 -10.64
C GLU A 39 12.09 -1.34 -11.04
N THR A 40 11.47 -2.25 -10.31
CA THR A 40 11.50 -3.66 -10.62
C THR A 40 10.09 -4.18 -10.31
N ASP A 41 9.90 -5.49 -10.35
CA ASP A 41 8.63 -6.14 -10.13
C ASP A 41 8.81 -7.45 -9.45
N PHE A 42 7.78 -7.91 -8.77
CA PHE A 42 7.77 -9.26 -8.20
C PHE A 42 6.38 -9.80 -8.38
N LYS A 43 6.26 -11.10 -8.49
CA LYS A 43 4.94 -11.69 -8.56
C LYS A 43 4.81 -12.68 -7.39
N ASP A 44 3.58 -13.03 -7.00
CA ASP A 44 3.38 -13.99 -5.92
C ASP A 44 3.77 -15.42 -6.39
N PRO A 45 4.01 -16.39 -5.47
CA PRO A 45 4.40 -17.75 -5.93
C PRO A 45 3.39 -18.48 -6.83
N LYS A 46 2.11 -18.04 -6.88
CA LYS A 46 1.10 -18.71 -7.71
C LYS A 46 0.90 -17.98 -9.06
N ASN A 47 1.76 -16.95 -9.33
CA ASN A 47 1.78 -16.18 -10.59
C ASN A 47 0.40 -15.59 -10.89
N LEU A 48 -0.22 -15.01 -9.87
CA LEU A 48 -1.54 -14.41 -9.98
C LEU A 48 -1.49 -12.92 -10.25
N ILE A 49 -0.58 -12.22 -9.54
CA ILE A 49 -0.45 -10.77 -9.63
C ILE A 49 1.01 -10.33 -9.71
N ASN A 50 1.28 -9.34 -10.57
CA ASN A 50 2.56 -8.66 -10.67
C ASN A 50 2.48 -7.36 -9.84
N PHE A 51 3.44 -7.11 -8.94
CA PHE A 51 3.50 -5.88 -8.14
C PHE A 51 4.75 -5.10 -8.51
N ASN A 52 4.61 -3.80 -8.82
CA ASN A 52 5.80 -3.01 -9.14
C ASN A 52 6.50 -2.60 -7.83
N HIS A 53 7.81 -2.36 -7.90
CA HIS A 53 8.61 -2.06 -6.72
C HIS A 53 9.70 -1.07 -7.06
N TYR A 54 9.75 0.05 -6.34
CA TYR A 54 10.79 1.05 -6.51
C TYR A 54 11.79 0.92 -5.39
N TYR A 55 13.07 1.22 -5.65
CA TYR A 55 14.08 1.08 -4.61
C TYR A 55 15.23 2.05 -4.82
N ALA A 56 15.82 2.44 -3.70
CA ALA A 56 16.97 3.33 -3.59
C ALA A 56 17.58 3.19 -2.19
N ASP A 57 18.68 3.85 -1.97
CA ASP A 57 19.33 3.98 -0.68
C ASP A 57 19.84 5.39 -0.67
N TRP A 58 19.16 6.27 0.07
CA TRP A 58 19.54 7.69 0.13
C TRP A 58 20.67 7.96 1.15
N GLY A 59 21.17 6.91 1.79
CA GLY A 59 22.22 6.99 2.79
C GLY A 59 21.86 6.46 4.17
N SER A 60 20.58 6.12 4.38
CA SER A 60 20.05 5.57 5.64
C SER A 60 19.62 4.07 5.52
N GLY A 61 19.91 3.43 4.39
CA GLY A 61 19.53 2.04 4.15
C GLY A 61 18.49 1.89 3.04
N TYR A 62 18.12 0.65 2.72
CA TYR A 62 17.17 0.32 1.65
C TYR A 62 15.83 1.06 1.83
N SER A 63 15.46 1.86 0.82
CA SER A 63 14.24 2.65 0.79
C SER A 63 13.38 2.21 -0.41
N PHE A 64 12.13 1.81 -0.15
CA PHE A 64 11.23 1.33 -1.20
C PHE A 64 10.06 2.30 -1.45
N ALA A 65 9.43 2.14 -2.60
CA ALA A 65 8.18 2.78 -3.00
C ALA A 65 7.46 1.77 -3.88
N GLY A 66 6.20 2.02 -4.22
CA GLY A 66 5.41 0.99 -4.88
C GLY A 66 5.08 -0.04 -3.81
N PHE A 67 5.11 -1.32 -4.16
CA PHE A 67 4.80 -2.39 -3.21
C PHE A 67 6.07 -3.11 -2.69
N SER A 68 5.95 -3.71 -1.50
CA SER A 68 6.99 -4.57 -0.92
C SER A 68 6.39 -5.58 0.04
N TYR A 69 6.77 -6.86 -0.07
CA TYR A 69 6.29 -7.82 0.90
C TYR A 69 7.32 -7.86 2.03
N ASN A 71 7.67 -8.74 6.73
CA ASN A 71 7.16 -9.31 7.98
C ASN A 71 7.54 -8.39 9.18
N ILE A 72 7.99 -7.13 8.90
CA ILE A 72 8.39 -6.16 9.92
C ILE A 72 7.22 -5.90 10.90
N THR A 73 7.47 -6.05 12.22
CA THR A 73 6.45 -5.89 13.27
C THR A 73 6.61 -4.59 14.09
N ASP A 74 7.69 -3.82 13.86
CA ASP A 74 7.97 -2.57 14.60
C ASP A 74 6.85 -1.53 14.38
N ASN A 75 5.96 -1.36 15.39
CA ASN A 75 4.90 -0.36 15.33
C ASN A 75 5.20 0.76 16.37
N GLN A 76 6.50 0.96 16.68
CA GLN A 76 6.94 1.98 17.65
C GLN A 76 7.82 3.05 16.99
N THR A 77 8.74 2.67 16.09
CA THR A 77 9.60 3.64 15.40
C THR A 77 8.72 4.51 14.52
N ALA A 78 8.88 5.83 14.69
CA ALA A 78 8.10 6.89 14.05
C ALA A 78 8.06 6.81 12.52
N ASN A 79 9.08 6.23 11.85
CA ASN A 79 9.07 6.14 10.39
C ASN A 79 8.93 4.68 9.89
N SER A 80 8.35 3.80 10.70
CA SER A 80 8.20 2.39 10.33
C SER A 80 7.10 2.15 9.26
N PRO A 81 7.39 1.30 8.23
CA PRO A 81 6.36 0.98 7.22
C PRO A 81 5.40 -0.11 7.72
N ALA A 82 5.68 -0.72 8.89
CA ALA A 82 4.88 -1.78 9.47
C ALA A 82 3.46 -1.30 9.80
N PRO A 83 2.41 -2.16 9.76
CA PRO A 83 1.07 -1.68 10.14
C PRO A 83 1.08 -1.29 11.61
N ILE A 84 0.26 -0.30 11.97
CA ILE A 84 0.14 0.19 13.34
C ILE A 84 -0.28 -0.94 14.31
N THR A 85 -0.95 -1.99 13.77
CA THR A 85 -1.36 -3.21 14.50
C THR A 85 -0.14 -3.96 15.03
N GLY A 86 1.00 -3.79 14.36
CA GLY A 86 2.24 -4.48 14.69
C GLY A 86 2.24 -5.93 14.25
N LYS A 87 1.28 -6.32 13.38
CA LYS A 87 1.18 -7.69 12.90
C LYS A 87 0.33 -7.79 11.64
N ALA A 88 0.58 -8.84 10.83
CA ALA A 88 -0.15 -9.14 9.59
C ALA A 88 -1.57 -9.55 9.94
N LYS A 89 -2.49 -9.41 8.99
CA LYS A 89 -3.88 -9.84 9.18
C LYS A 89 -3.95 -11.39 9.16
N ILE A 90 -3.18 -12.00 8.24
CA ILE A 90 -3.09 -13.45 7.99
C ILE A 90 -1.61 -13.81 7.96
N GLY A 91 -1.23 -14.83 8.73
CA GLY A 91 0.15 -15.28 8.81
C GLY A 91 1.08 -14.23 9.39
N SER A 92 2.27 -14.09 8.81
CA SER A 92 3.27 -13.13 9.27
C SER A 92 3.72 -12.14 8.19
N VAL A 93 3.36 -12.38 6.92
CA VAL A 93 3.76 -11.53 5.82
C VAL A 93 2.57 -10.69 5.34
N TYR A 94 2.84 -9.42 5.06
CA TYR A 94 1.86 -8.45 4.54
C TYR A 94 2.58 -7.63 3.45
N ILE A 95 1.87 -6.69 2.83
CA ILE A 95 2.47 -5.84 1.81
C ILE A 95 2.50 -4.38 2.29
N GLY A 96 3.72 -3.83 2.30
CA GLY A 96 3.99 -2.43 2.58
C GLY A 96 3.80 -1.67 1.29
N VAL A 97 3.16 -0.49 1.35
CA VAL A 97 2.92 0.33 0.15
C VAL A 97 3.36 1.78 0.41
N ASP A 98 4.17 2.33 -0.51
CA ASP A 98 4.56 3.73 -0.49
C ASP A 98 4.24 4.24 -1.87
N SER A 99 3.11 4.95 -1.99
CA SER A 99 2.63 5.32 -3.31
C SER A 99 2.33 6.82 -3.43
N THR A 100 2.83 7.44 -4.50
CA THR A 100 2.58 8.85 -4.81
C THR A 100 2.24 8.96 -6.30
N ASP A 101 1.47 9.96 -6.70
CA ASP A 101 1.20 10.19 -8.13
C ASP A 101 1.82 11.56 -8.51
N GLY A 102 1.61 12.01 -9.75
CA GLY A 102 2.20 13.25 -10.24
C GLY A 102 3.49 13.04 -11.02
N GLU A 103 4.31 14.13 -11.20
CA GLU A 103 5.58 14.18 -11.96
C GLU A 103 6.60 13.13 -11.45
N TYR A 104 7.25 13.36 -10.27
CA TYR A 104 8.24 12.43 -9.71
C TYR A 104 7.56 11.32 -8.88
N GLY A 105 6.30 11.05 -9.19
CA GLY A 105 5.48 10.07 -8.49
C GLY A 105 5.99 8.65 -8.65
N THR A 106 5.79 7.86 -7.61
CA THR A 106 6.12 6.43 -7.58
C THR A 106 4.82 5.71 -7.26
N PRO A 107 3.90 5.55 -8.23
CA PRO A 107 2.62 4.92 -7.89
C PRO A 107 2.71 3.40 -7.78
N ALA A 108 1.94 2.85 -6.84
CA ALA A 108 1.85 1.40 -6.65
C ALA A 108 0.72 0.90 -7.56
N ILE A 109 1.11 0.21 -8.65
CA ILE A 109 0.16 -0.31 -9.65
C ILE A 109 0.38 -1.81 -9.83
N LEU A 110 -0.57 -2.61 -9.37
CA LEU A 110 -0.44 -4.06 -9.56
C LEU A 110 -1.12 -4.45 -10.89
N THR A 111 -0.72 -5.58 -11.47
CA THR A 111 -1.31 -6.11 -12.71
C THR A 111 -1.71 -7.53 -12.45
N ILE A 112 -3.01 -7.86 -12.59
CA ILE A 112 -3.45 -9.25 -12.49
C ILE A 112 -2.92 -9.99 -13.72
N LEU A 113 -2.18 -11.09 -13.49
CA LEU A 113 -1.55 -11.92 -14.51
C LEU A 113 -2.47 -13.05 -14.94
N ASP A 114 -3.19 -13.65 -13.97
CA ASP A 114 -4.16 -14.71 -14.21
C ASP A 114 -5.50 -13.99 -14.36
N THR A 115 -5.77 -13.56 -15.60
CA THR A 115 -6.87 -12.66 -15.94
C THR A 115 -8.26 -13.34 -15.95
N ASN A 116 -8.35 -14.56 -15.41
CA ASN A 116 -9.64 -15.19 -15.14
C ASN A 116 -10.21 -14.55 -13.86
N TYR A 117 -9.32 -13.91 -13.07
CA TYR A 117 -9.66 -13.29 -11.80
C TYR A 117 -9.73 -11.80 -11.85
N LYS A 118 -10.58 -11.24 -10.98
CA LYS A 118 -10.66 -9.82 -10.70
C LYS A 118 -10.42 -9.68 -9.20
N LEU A 119 -10.04 -8.48 -8.74
CA LEU A 119 -9.88 -8.31 -7.30
C LEU A 119 -11.25 -8.26 -6.60
N LYS A 120 -11.41 -9.06 -5.53
CA LYS A 120 -12.59 -8.96 -4.69
C LYS A 120 -12.37 -7.80 -3.70
N GLY A 121 -11.16 -7.75 -3.16
CA GLY A 121 -10.79 -6.76 -2.19
C GLY A 121 -9.50 -7.10 -1.46
N THR A 122 -9.26 -6.34 -0.40
CA THR A 122 -8.06 -6.52 0.42
C THR A 122 -8.29 -5.99 1.81
N TRP A 123 -7.53 -6.50 2.79
CA TRP A 123 -7.48 -5.88 4.11
C TRP A 123 -6.50 -4.70 3.97
N ILE A 124 -6.73 -3.63 4.69
CA ILE A 124 -5.90 -2.44 4.64
C ILE A 124 -5.72 -1.91 6.05
N ALA A 125 -4.54 -1.34 6.31
CA ALA A 125 -4.25 -0.70 7.57
C ALA A 125 -3.30 0.47 7.38
N ASN A 126 -3.29 1.37 8.37
CA ASN A 126 -2.35 2.47 8.40
C ASN A 126 -0.94 1.97 8.66
N SER A 127 0.05 2.60 8.03
CA SER A 127 1.45 2.31 8.38
C SER A 127 1.69 2.99 9.74
N THR A 128 2.70 2.55 10.49
CA THR A 128 3.05 3.19 11.77
C THR A 128 3.46 4.64 11.50
N TRP A 129 4.24 4.88 10.42
CA TRP A 129 4.71 6.21 10.03
C TRP A 129 3.54 7.20 9.84
N ALA A 130 2.52 6.82 9.05
CA ALA A 130 1.34 7.66 8.82
C ALA A 130 0.55 7.83 10.11
N TYR A 131 0.36 6.74 10.89
CA TYR A 131 -0.38 6.80 12.16
C TYR A 131 0.28 7.78 13.16
N GLY A 133 2.34 10.27 12.51
CA GLY A 133 2.18 11.62 11.97
C GLY A 133 0.83 12.23 12.33
N ILE A 135 -1.27 11.22 14.94
CA ILE A 135 -1.54 11.36 16.36
C ILE A 135 -0.63 12.40 17.03
N GLN A 136 0.60 12.66 16.51
CA GLN A 136 1.50 13.62 17.18
C GLN A 136 2.37 14.47 16.24
N GLY A 137 2.25 14.28 14.93
CA GLY A 137 3.09 14.98 13.96
C GLY A 137 4.46 14.33 13.83
N ASP A 138 5.20 14.65 12.75
CA ASP A 138 6.56 14.11 12.54
C ASP A 138 7.52 15.18 11.95
N GLY A 139 7.22 16.46 12.21
CA GLY A 139 7.99 17.58 11.68
C GLY A 139 7.35 18.05 10.40
N TYR A 140 7.46 17.24 9.32
CA TYR A 140 6.81 17.56 8.02
C TYR A 140 5.28 17.48 8.19
N ALA A 141 4.79 16.38 8.78
CA ALA A 141 3.37 16.15 9.04
C ALA A 141 2.94 16.79 10.36
N ARG A 142 1.73 17.32 10.39
CA ARG A 142 1.17 17.86 11.62
C ARG A 142 0.10 16.92 12.17
N ALA A 143 -0.08 16.94 13.49
CA ALA A 143 -1.08 16.14 14.17
C ALA A 143 -2.49 16.47 13.65
N PHE A 144 -3.31 15.44 13.53
CA PHE A 144 -4.68 15.60 13.05
C PHE A 144 -5.59 16.21 14.12
N LYS A 145 -6.63 16.91 13.67
CA LYS A 145 -7.65 17.53 14.52
C LYS A 145 -8.99 17.37 13.81
N ALA A 146 -10.10 17.89 14.39
CA ALA A 146 -11.44 17.83 13.79
C ALA A 146 -11.36 18.27 12.31
N GLY A 147 -11.95 17.48 11.43
CA GLY A 147 -11.97 17.75 9.99
C GLY A 147 -10.90 17.04 9.18
N ASP A 148 -9.86 16.50 9.86
CA ASP A 148 -8.79 15.81 9.13
C ASP A 148 -9.19 14.39 8.73
N TRP A 149 -8.57 13.88 7.65
CA TRP A 149 -8.84 12.55 7.12
C TRP A 149 -7.62 11.99 6.39
N TYR A 150 -7.60 10.68 6.20
CA TYR A 150 -6.60 9.94 5.45
C TYR A 150 -7.36 8.96 4.57
N LYS A 151 -7.03 8.93 3.29
CA LYS A 151 -7.76 8.11 2.34
C LYS A 151 -6.82 7.32 1.47
N VAL A 152 -7.31 6.19 0.96
CA VAL A 152 -6.66 5.39 -0.06
C VAL A 152 -7.70 5.21 -1.18
N THR A 153 -7.31 5.58 -2.40
CA THR A 153 -8.14 5.46 -3.58
C THR A 153 -7.55 4.39 -4.50
N ALA A 154 -8.36 3.42 -4.89
CA ALA A 154 -7.96 2.40 -5.85
C ALA A 154 -8.62 2.71 -7.19
N THR A 155 -7.83 2.78 -8.26
CA THR A 155 -8.31 3.02 -9.62
C THR A 155 -7.98 1.79 -10.44
N GLY A 156 -9.00 1.26 -11.11
CA GLY A 156 -8.86 0.07 -11.95
C GLY A 156 -8.76 0.42 -13.41
N TYR A 157 -7.99 -0.38 -14.18
CA TYR A 157 -7.75 -0.18 -15.61
C TYR A 157 -7.83 -1.49 -16.37
N ASP A 158 -8.14 -1.43 -17.68
CA ASP A 158 -8.12 -2.66 -18.47
C ASP A 158 -6.66 -2.89 -18.96
N GLU A 159 -6.42 -3.90 -19.83
CA GLU A 159 -5.06 -4.18 -20.32
C GLU A 159 -4.46 -2.98 -21.06
N ALA A 160 -5.29 -2.25 -21.84
CA ALA A 160 -4.87 -1.08 -22.61
C ALA A 160 -4.66 0.19 -21.74
N GLY A 161 -5.02 0.15 -20.47
CA GLY A 161 -4.87 1.30 -19.60
C GLY A 161 -6.08 2.22 -19.51
N ASN A 162 -7.24 1.77 -20.03
CA ASN A 162 -8.49 2.53 -19.93
C ASN A 162 -9.09 2.27 -18.58
N GLU A 163 -9.50 3.33 -17.89
CA GLU A 163 -10.07 3.24 -16.56
C GLU A 163 -11.38 2.41 -16.53
N THR A 164 -11.51 1.50 -15.55
CA THR A 164 -12.70 0.65 -15.46
C THR A 164 -13.62 1.00 -14.27
N GLY A 165 -13.07 1.66 -13.27
CA GLY A 165 -13.80 2.02 -12.05
C GLY A 165 -12.87 2.53 -11.00
N LYS A 166 -13.42 2.98 -9.87
CA LYS A 166 -12.68 3.58 -8.77
C LYS A 166 -13.38 3.30 -7.43
N ALA A 167 -12.59 3.07 -6.38
CA ALA A 167 -13.08 2.81 -5.03
C ALA A 167 -12.23 3.58 -4.04
N GLU A 168 -12.79 3.89 -2.88
CA GLU A 168 -12.11 4.67 -1.85
C GLU A 168 -12.39 4.13 -0.49
N ILE A 169 -11.49 4.40 0.45
CA ILE A 169 -11.67 4.02 1.85
C ILE A 169 -10.93 5.05 2.70
N LEU A 170 -11.48 5.35 3.87
CA LEU A 170 -10.82 6.25 4.80
C LEU A 170 -10.09 5.46 5.87
N LEU A 171 -8.83 5.83 6.16
CA LEU A 171 -8.04 5.21 7.22
C LEU A 171 -8.00 6.13 8.47
N ALA A 172 -8.63 7.31 8.37
CA ALA A 172 -8.83 8.29 9.43
C ALA A 172 -9.92 9.27 9.03
N ASN A 173 -10.73 9.68 9.98
CA ASN A 173 -11.81 10.61 9.77
C ASN A 173 -12.15 11.24 11.12
N TYR A 174 -11.45 12.33 11.46
CA TYR A 174 -11.62 13.04 12.71
C TYR A 174 -12.85 13.94 12.66
N LYS A 175 -13.86 13.57 13.44
CA LYS A 175 -15.08 14.38 13.58
C LYS A 175 -14.84 15.38 14.69
N THR A 176 -14.04 14.98 15.70
CA THR A 176 -13.63 15.82 16.84
C THR A 176 -12.11 15.74 16.99
N ASP A 177 -11.50 16.66 17.78
CA ASP A 177 -10.06 16.68 18.07
C ASP A 177 -9.62 15.43 18.81
N ASN A 178 -10.60 14.71 19.40
CA ASN A 178 -10.43 13.54 20.25
C ASN A 178 -10.49 12.19 19.50
N ASP A 179 -10.74 12.21 18.18
CA ASP A 179 -10.78 10.99 17.39
C ASP A 179 -9.38 10.44 17.15
N LEU A 180 -9.31 9.22 16.60
CA LEU A 180 -8.04 8.57 16.31
C LEU A 180 -8.08 7.92 14.93
N PRO A 181 -6.92 7.72 14.25
CA PRO A 181 -6.96 6.98 12.97
C PRO A 181 -7.36 5.53 13.19
N VAL A 182 -7.76 4.84 12.12
CA VAL A 182 -8.09 3.41 12.21
C VAL A 182 -6.83 2.65 12.72
N LYS A 183 -6.99 1.85 13.79
CA LYS A 183 -5.86 1.13 14.39
C LYS A 183 -5.90 -0.37 14.04
N GLU A 184 -6.92 -0.82 13.30
CA GLU A 184 -7.09 -2.22 12.90
C GLU A 184 -6.99 -2.42 11.38
N TRP A 185 -6.91 -3.68 10.94
CA TRP A 185 -7.05 -4.06 9.54
C TRP A 185 -8.53 -3.92 9.19
N ILE A 186 -8.87 -3.26 8.09
CA ILE A 186 -10.27 -3.13 7.70
C ILE A 186 -10.40 -3.61 6.25
N TRP A 187 -11.59 -4.09 5.88
CA TRP A 187 -11.83 -4.64 4.54
C TRP A 187 -12.13 -3.52 3.54
N PHE A 188 -11.36 -3.52 2.43
CA PHE A 188 -11.51 -2.59 1.33
C PHE A 188 -12.11 -3.37 0.15
N ASP A 189 -13.39 -3.14 -0.14
CA ASP A 189 -14.11 -3.80 -1.23
C ASP A 189 -13.63 -3.20 -2.57
N LEU A 190 -13.06 -4.06 -3.43
CA LEU A 190 -12.48 -3.63 -4.72
C LEU A 190 -13.31 -4.09 -5.91
N THR A 191 -14.44 -4.79 -5.67
CA THR A 191 -15.37 -5.21 -6.75
C THR A 191 -15.93 -3.97 -7.53
N PRO A 192 -16.03 -2.73 -6.95
CA PRO A 192 -16.51 -1.58 -7.75
C PRO A 192 -15.56 -1.19 -8.90
N LEU A 193 -14.32 -1.73 -8.93
CA LEU A 193 -13.37 -1.46 -10.00
C LEU A 193 -13.75 -2.24 -11.26
N GLN A 194 -14.80 -3.09 -11.18
CA GLN A 194 -15.35 -3.84 -12.31
C GLN A 194 -14.32 -4.89 -12.78
N ASN A 195 -14.06 -5.06 -14.08
CA ASN A 195 -13.14 -6.14 -14.47
C ASN A 195 -11.70 -5.67 -14.62
N ALA A 196 -11.26 -4.74 -13.77
CA ALA A 196 -9.90 -4.19 -13.77
C ALA A 196 -8.82 -5.29 -13.80
N VAL A 197 -7.80 -5.06 -14.63
CA VAL A 197 -6.62 -5.93 -14.76
CA VAL A 197 -6.67 -5.99 -14.64
C VAL A 197 -5.49 -5.25 -13.96
N LYS A 198 -5.44 -3.92 -14.04
CA LYS A 198 -4.44 -3.09 -13.39
C LYS A 198 -5.08 -2.29 -12.29
N VAL A 199 -4.46 -2.23 -11.12
CA VAL A 199 -5.04 -1.48 -10.00
C VAL A 199 -3.95 -0.60 -9.38
N LYS A 200 -4.22 0.72 -9.37
CA LYS A 200 -3.35 1.71 -8.76
C LYS A 200 -3.93 2.08 -7.39
N PHE A 201 -3.08 2.11 -6.35
CA PHE A 201 -3.47 2.53 -5.00
C PHE A 201 -2.79 3.83 -4.69
N ILE A 202 -3.58 4.91 -4.47
CA ILE A 202 -3.02 6.22 -4.13
C ILE A 202 -3.53 6.70 -2.76
N PRO A 203 -2.62 7.02 -1.81
CA PRO A 203 -3.07 7.61 -0.54
C PRO A 203 -3.20 9.15 -0.67
N ASP A 204 -4.00 9.73 0.21
CA ASP A 204 -4.19 11.19 0.29
C ASP A 204 -4.56 11.53 1.73
N SER A 205 -4.26 12.77 2.11
CA SER A 205 -4.47 13.29 3.45
C SER A 205 -4.92 14.73 3.37
N SER A 206 -5.68 15.16 4.36
CA SER A 206 -6.14 16.54 4.50
C SER A 206 -4.93 17.41 4.82
N ASP A 207 -3.87 16.81 5.41
CA ASP A 207 -2.61 17.48 5.71
C ASP A 207 -1.72 17.39 4.46
N LYS A 208 -1.92 18.33 3.55
CA LYS A 208 -1.23 18.40 2.27
C LYS A 208 -1.09 19.85 1.82
N ASN A 209 -0.24 20.06 0.82
CA ASN A 209 -0.03 21.36 0.20
C ASN A 209 0.12 21.17 -1.35
N GLU A 210 0.68 22.19 -2.07
CA GLU A 210 0.91 22.18 -3.53
CA GLU A 210 0.86 22.14 -3.52
C GLU A 210 1.85 21.04 -3.95
N TYR A 211 2.86 20.72 -3.10
CA TYR A 211 3.87 19.70 -3.37
C TYR A 211 3.36 18.25 -3.19
N GLY A 212 2.26 18.10 -2.48
CA GLY A 212 1.68 16.79 -2.15
C GLY A 212 1.32 16.68 -0.68
N ASN A 214 1.62 15.69 3.38
CA ASN A 214 2.62 15.84 4.44
C ASN A 214 2.65 14.58 5.31
N THR A 215 1.46 13.96 5.57
CA THR A 215 1.39 12.67 6.29
C THR A 215 2.08 11.62 5.42
N ALA A 216 2.77 10.63 6.02
CA ALA A 216 3.47 9.59 5.23
C ALA A 216 2.54 8.95 4.21
N SER A 217 3.03 8.76 2.97
CA SER A 217 2.28 8.13 1.87
C SER A 217 2.43 6.59 1.92
N TYR A 218 2.61 6.06 3.16
CA TYR A 218 2.80 4.64 3.46
C TYR A 218 1.56 4.04 4.10
N PHE A 219 1.18 2.84 3.66
CA PHE A 219 0.03 2.11 4.22
C PHE A 219 0.29 0.64 3.95
N CYS A 220 -0.60 -0.24 4.43
CA CYS A 220 -0.37 -1.67 4.33
C CYS A 220 -1.57 -2.38 3.80
N LEU A 221 -1.32 -3.51 3.10
CA LEU A 221 -2.30 -4.43 2.56
C LEU A 221 -1.99 -5.84 2.96
N ASP A 222 -3.04 -6.64 3.13
CA ASP A 222 -2.90 -8.06 3.45
C ASP A 222 -4.18 -8.78 3.04
N GLY A 223 -4.06 -10.10 2.82
CA GLY A 223 -5.18 -10.92 2.39
C GLY A 223 -5.81 -10.44 1.10
N ILE A 224 -4.98 -10.04 0.14
CA ILE A 224 -5.40 -9.59 -1.20
C ILE A 224 -6.16 -10.77 -1.84
N THR A 225 -7.46 -10.57 -2.10
CA THR A 225 -8.34 -11.62 -2.55
C THR A 225 -8.81 -11.40 -3.98
N LEU A 226 -8.73 -12.47 -4.74
CA LEU A 226 -9.15 -12.56 -6.13
C LEU A 226 -10.40 -13.39 -6.19
N ILE A 227 -11.32 -13.02 -7.07
CA ILE A 227 -12.54 -13.79 -7.30
C ILE A 227 -12.63 -14.02 -8.83
N GLU A 228 -13.07 -15.22 -9.27
CA GLU A 228 -13.22 -15.53 -10.68
CA GLU A 228 -13.10 -15.37 -10.71
C GLU A 228 -14.32 -14.67 -11.32
N LYS A 229 -14.06 -14.08 -12.50
CA LYS A 229 -15.02 -13.30 -13.26
C LYS A 229 -16.12 -14.20 -13.85
#